data_3H4X
#
_entry.id   3H4X
#
_cell.length_a   51.968
_cell.length_b   154.819
_cell.length_c   41.324
_cell.angle_alpha   90.000
_cell.angle_beta   90.000
_cell.angle_gamma   90.000
#
_symmetry.space_group_name_H-M   'P 21 21 2'
#
loop_
_entity.id
_entity.type
_entity.pdbx_description
1 polymer 'Phosphatidylinositol-specific phospholipase C1'
2 non-polymer 'CHLORIDE ION'
3 non-polymer ETHANOL
4 non-polymer 'ACETATE ION'
5 non-polymer GLYCEROL
6 non-polymer 'ACETYL GROUP'
7 water water
#
_entity_poly.entity_id   1
_entity_poly.type   'polypeptide(L)'
_entity_poly.pdbx_seq_one_letter_code
;MGSSHHHHHHSSGLVPRGSHMEPAATTYGTSTSVGVHNAYEKEKYRYFADALDSGAALLELDLWSNALGRSWRVSHSNPL
GNNSNCEGAANASELRTKSRDQDFAGCLSDMRAWHDAHPGHRPILLKIEMKDGFNAKGGRGPAEFDALIRQKLGDAVYGP
GDLTGGHATADEAVRAGGWPSRADLAGKFLFELIPGTVEEKNPFDKLWTDVEYAGHLKDLAAQGKLAQSTAFPAVHGAAP
GDPRERYADPALRPWFVVFDGDAATYLNGSIDTSWYDTRHYLLIMTDAHNVPPVIDGTHPTEAEALARVRQLAAAHASFA
TADWYPLPSVLKTVVPRGA
;
_entity_poly.pdbx_strand_id   A
#
loop_
_chem_comp.id
_chem_comp.type
_chem_comp.name
_chem_comp.formula
ACE non-polymer 'ACETYL GROUP' 'C2 H4 O'
ACT non-polymer 'ACETATE ION' 'C2 H3 O2 -1'
CL non-polymer 'CHLORIDE ION' 'Cl -1'
EOH non-polymer ETHANOL 'C2 H6 O'
GOL non-polymer GLYCEROL 'C3 H8 O3'
#
# COMPACT_ATOMS: atom_id res chain seq x y z
N ALA A 25 -4.81 8.80 21.14
CA ALA A 25 -5.36 7.72 20.27
C ALA A 25 -4.46 6.50 20.10
N THR A 26 -4.05 6.20 18.86
CA THR A 26 -3.71 7.19 17.83
C THR A 26 -4.60 7.28 16.58
N THR A 27 -4.09 8.01 15.58
CA THR A 27 -4.70 8.07 14.26
C THR A 27 -3.84 7.33 13.26
N TYR A 28 -4.35 7.17 12.04
CA TYR A 28 -3.60 6.49 10.99
C TYR A 28 -2.29 7.23 10.69
N GLY A 29 -2.23 8.51 11.04
CA GLY A 29 -1.05 9.33 10.80
C GLY A 29 -0.12 9.51 11.98
N THR A 30 -0.48 8.97 13.15
CA THR A 30 0.36 9.12 14.34
C THR A 30 0.81 7.79 14.93
N SER A 31 0.71 6.73 14.14
CA SER A 31 1.13 5.41 14.55
C SER A 31 2.21 4.86 13.62
N THR A 32 2.96 3.88 14.12
CA THR A 32 3.90 3.13 13.31
C THR A 32 3.50 1.66 13.41
N SER A 33 3.40 1.00 12.26
CA SER A 33 2.98 -0.39 12.21
C SER A 33 3.84 -1.14 11.20
N VAL A 34 3.52 -2.41 10.99
CA VAL A 34 4.46 -3.31 10.30
C VAL A 34 3.84 -3.97 9.09
N GLY A 35 4.62 -4.10 8.02
CA GLY A 35 4.13 -4.69 6.78
C GLY A 35 4.96 -5.87 6.32
N VAL A 36 4.36 -6.66 5.44
CA VAL A 36 5.04 -7.80 4.82
C VAL A 36 5.09 -7.60 3.32
N HIS A 37 6.31 -7.61 2.79
CA HIS A 37 6.52 -7.48 1.35
C HIS A 37 6.11 -8.78 0.65
N ASN A 38 5.55 -8.66 -0.56
CA ASN A 38 5.17 -9.83 -1.35
C ASN A 38 4.34 -10.85 -0.58
N ALA A 39 3.23 -10.36 -0.01
CA ALA A 39 2.39 -11.16 0.88
C ALA A 39 1.54 -12.20 0.14
N TYR A 40 1.55 -12.13 -1.19
CA TYR A 40 0.79 -13.04 -2.04
C TYR A 40 1.59 -14.28 -2.37
N GLU A 41 2.83 -14.36 -1.88
CA GLU A 41 3.68 -15.51 -2.19
C GLU A 41 3.36 -16.71 -1.31
N LYS A 42 3.14 -17.85 -1.95
CA LYS A 42 2.75 -19.06 -1.25
C LYS A 42 3.79 -19.50 -0.22
N GLU A 43 5.05 -19.16 -0.47
CA GLU A 43 6.15 -19.51 0.45
C GLU A 43 6.02 -18.77 1.78
N LYS A 44 5.42 -17.58 1.77
CA LYS A 44 5.22 -16.82 2.99
C LYS A 44 3.90 -17.22 3.66
N TYR A 45 2.84 -17.28 2.86
CA TYR A 45 1.50 -17.56 3.34
C TYR A 45 0.83 -18.53 2.38
N ARG A 46 0.42 -19.68 2.89
CA ARG A 46 -0.18 -20.70 2.04
C ARG A 46 -1.37 -20.15 1.26
N TYR A 47 -2.23 -19.43 1.98
CA TYR A 47 -3.37 -18.75 1.36
C TYR A 47 -3.31 -17.27 1.71
N PHE A 48 -3.87 -16.44 0.84
CA PHE A 48 -3.92 -15.01 1.14
C PHE A 48 -4.65 -14.77 2.46
N ALA A 49 -5.61 -15.63 2.80
CA ALA A 49 -6.30 -15.51 4.08
C ALA A 49 -5.30 -15.54 5.24
N ASP A 50 -4.24 -16.33 5.08
CA ASP A 50 -3.20 -16.37 6.10
C ASP A 50 -2.44 -15.05 6.22
N ALA A 51 -2.23 -14.37 5.09
CA ALA A 51 -1.61 -13.05 5.12
C ALA A 51 -2.54 -12.09 5.87
N LEU A 52 -3.83 -12.16 5.58
CA LEU A 52 -4.80 -11.30 6.25
C LEU A 52 -4.86 -11.60 7.75
N ASP A 53 -4.73 -12.86 8.12
CA ASP A 53 -4.78 -13.25 9.52
C ASP A 53 -3.44 -13.08 10.26
N SER A 54 -2.41 -12.61 9.57
CA SER A 54 -1.08 -12.48 10.15
C SER A 54 -1.02 -11.38 11.20
N GLY A 55 -1.92 -10.40 11.10
CA GLY A 55 -1.87 -9.23 11.96
C GLY A 55 -1.12 -8.05 11.35
N ALA A 56 -0.45 -8.27 10.22
CA ALA A 56 0.29 -7.19 9.57
C ALA A 56 -0.61 -6.02 9.21
N ALA A 57 -0.07 -4.82 9.26
CA ALA A 57 -0.81 -3.60 8.93
C ALA A 57 -0.76 -3.28 7.45
N LEU A 58 0.23 -3.85 6.76
CA LEU A 58 0.44 -3.58 5.35
C LEU A 58 0.79 -4.88 4.67
N LEU A 59 0.11 -5.17 3.56
CA LEU A 59 0.38 -6.35 2.76
C LEU A 59 0.66 -5.89 1.35
N GLU A 60 1.76 -6.35 0.78
CA GLU A 60 2.16 -5.87 -0.53
C GLU A 60 1.85 -6.88 -1.64
N LEU A 61 1.35 -6.36 -2.75
CA LEU A 61 0.95 -7.13 -3.91
C LEU A 61 1.63 -6.59 -5.17
N ASP A 62 2.07 -7.49 -6.04
CA ASP A 62 2.64 -7.12 -7.34
C ASP A 62 1.62 -7.43 -8.44
N LEU A 63 1.22 -6.40 -9.18
CA LEU A 63 0.23 -6.56 -10.26
C LEU A 63 0.83 -6.23 -11.61
N TRP A 64 0.31 -6.90 -12.63
CA TRP A 64 0.72 -6.67 -14.01
C TRP A 64 -0.49 -6.31 -14.85
N SER A 65 -0.41 -5.18 -15.56
CA SER A 65 -1.52 -4.70 -16.38
C SER A 65 -1.31 -4.89 -17.88
N ASN A 66 -0.06 -5.14 -18.27
CA ASN A 66 0.28 -5.17 -19.69
C ASN A 66 0.61 -6.56 -20.23
N ALA A 67 0.28 -7.58 -19.45
CA ALA A 67 0.31 -8.93 -19.97
C ALA A 67 -0.84 -9.09 -20.95
N LEU A 68 -0.80 -10.15 -21.75
CA LEU A 68 -1.82 -10.37 -22.77
C LEU A 68 -3.12 -10.86 -22.16
N GLY A 69 -4.23 -10.57 -22.84
CA GLY A 69 -5.53 -11.05 -22.40
C GLY A 69 -6.10 -10.28 -21.23
N ARG A 70 -7.22 -10.75 -20.71
CA ARG A 70 -7.90 -10.10 -19.62
C ARG A 70 -7.23 -10.35 -18.27
N SER A 71 -7.59 -9.51 -17.29
CA SER A 71 -7.18 -9.64 -15.89
C SER A 71 -5.90 -8.89 -15.54
N TRP A 72 -5.83 -8.42 -14.31
CA TRP A 72 -4.59 -7.97 -13.71
C TRP A 72 -3.93 -9.18 -13.07
N ARG A 73 -2.72 -9.49 -13.51
CA ARG A 73 -2.02 -10.66 -12.99
C ARG A 73 -1.40 -10.37 -11.63
N VAL A 74 -1.38 -11.37 -10.77
CA VAL A 74 -0.64 -11.29 -9.52
C VAL A 74 0.54 -12.25 -9.65
N SER A 75 1.75 -11.70 -9.60
CA SER A 75 2.95 -12.49 -9.83
C SER A 75 4.19 -11.69 -9.47
N HIS A 76 5.17 -12.34 -8.87
CA HIS A 76 6.45 -11.69 -8.60
C HIS A 76 7.23 -11.46 -9.89
N SER A 77 7.36 -12.53 -10.67
CA SER A 77 8.12 -12.49 -11.91
C SER A 77 7.19 -12.36 -13.11
N ASN A 78 7.77 -12.18 -14.28
CA ASN A 78 6.99 -12.05 -15.50
C ASN A 78 5.89 -13.10 -15.51
N PRO A 79 4.62 -12.67 -15.59
CA PRO A 79 3.58 -13.66 -15.34
C PRO A 79 3.36 -14.68 -16.45
N LEU A 80 3.11 -15.91 -16.03
CA LEU A 80 2.59 -16.95 -16.89
C LEU A 80 1.37 -17.45 -16.13
N GLY A 81 0.20 -16.98 -16.56
CA GLY A 81 -0.99 -17.06 -15.72
C GLY A 81 -0.80 -16.13 -14.53
N ASN A 82 -0.86 -16.71 -13.32
CA ASN A 82 -0.60 -16.01 -12.07
C ASN A 82 0.24 -16.91 -11.20
N ASN A 83 0.87 -16.33 -10.18
CA ASN A 83 1.61 -17.10 -9.20
C ASN A 83 1.35 -16.44 -7.86
N SER A 84 0.37 -16.97 -7.13
CA SER A 84 -0.15 -16.27 -5.97
C SER A 84 -0.82 -17.25 -5.02
N ASN A 85 -1.08 -16.77 -3.81
CA ASN A 85 -1.81 -17.54 -2.82
C ASN A 85 -3.29 -17.17 -2.75
N CYS A 86 -3.75 -16.42 -3.74
CA CYS A 86 -5.14 -15.97 -3.78
C CYS A 86 -6.04 -17.05 -4.35
N GLU A 87 -7.24 -17.20 -3.77
CA GLU A 87 -8.15 -18.30 -4.16
C GLU A 87 -9.43 -17.84 -4.86
N GLY A 88 -9.79 -16.57 -4.72
CA GLY A 88 -11.08 -16.12 -5.21
C GLY A 88 -12.25 -16.75 -4.45
N ALA A 89 -12.12 -16.84 -3.12
CA ALA A 89 -13.17 -17.39 -2.28
C ALA A 89 -14.46 -16.58 -2.42
N ALA A 90 -15.59 -17.27 -2.53
CA ALA A 90 -16.88 -16.60 -2.66
C ALA A 90 -17.37 -16.06 -1.32
N ASN A 91 -16.91 -16.67 -0.24
CA ASN A 91 -17.30 -16.26 1.10
C ASN A 91 -16.33 -16.85 2.12
N ALA A 92 -16.49 -16.47 3.39
CA ALA A 92 -15.55 -16.87 4.41
C ALA A 92 -15.48 -18.39 4.58
N SER A 93 -16.59 -19.08 4.33
CA SER A 93 -16.64 -20.54 4.49
C SER A 93 -15.68 -21.22 3.53
N GLU A 94 -15.32 -20.51 2.46
CA GLU A 94 -14.47 -21.06 1.40
C GLU A 94 -13.00 -20.71 1.55
N LEU A 95 -12.64 -19.90 2.54
CA LEU A 95 -11.25 -19.53 2.72
C LEU A 95 -10.42 -20.77 3.09
N ARG A 96 -9.26 -20.90 2.45
CA ARG A 96 -8.40 -22.05 2.63
C ARG A 96 -9.06 -23.33 2.13
N THR A 97 -9.64 -23.28 0.94
CA THR A 97 -10.27 -24.47 0.34
C THR A 97 -10.02 -24.63 -1.16
N LYS A 98 -9.69 -23.54 -1.85
CA LYS A 98 -9.67 -23.55 -3.31
C LYS A 98 -8.28 -23.59 -3.91
N SER A 99 -8.18 -23.87 -5.21
CA SER A 99 -6.93 -23.77 -5.92
C SER A 99 -6.48 -22.31 -5.91
N ARG A 100 -5.18 -22.09 -5.91
CA ARG A 100 -4.62 -20.76 -5.77
C ARG A 100 -4.22 -20.21 -7.15
N ASP A 101 -3.20 -19.36 -7.19
CA ASP A 101 -2.77 -18.74 -8.46
C ASP A 101 -3.91 -17.97 -9.13
N GLN A 102 -4.75 -17.31 -8.34
CA GLN A 102 -5.75 -16.44 -8.91
C GLN A 102 -5.23 -15.02 -9.11
N ASP A 103 -5.98 -14.24 -9.89
CA ASP A 103 -5.59 -12.89 -10.27
C ASP A 103 -6.01 -11.84 -9.23
N PHE A 104 -5.93 -10.57 -9.61
CA PHE A 104 -6.23 -9.48 -8.69
C PHE A 104 -7.69 -9.55 -8.23
N ALA A 105 -8.60 -9.81 -9.16
CA ALA A 105 -10.00 -9.97 -8.79
C ALA A 105 -10.18 -11.08 -7.76
N GLY A 106 -9.40 -12.15 -7.89
CA GLY A 106 -9.43 -13.25 -6.93
C GLY A 106 -8.93 -12.82 -5.56
N CYS A 107 -7.86 -12.05 -5.54
CA CYS A 107 -7.34 -11.49 -4.30
C CYS A 107 -8.39 -10.63 -3.60
N LEU A 108 -9.02 -9.75 -4.37
CA LEU A 108 -10.05 -8.87 -3.83
C LEU A 108 -11.23 -9.67 -3.29
N SER A 109 -11.57 -10.76 -3.95
CA SER A 109 -12.62 -11.65 -3.45
C SER A 109 -12.23 -12.25 -2.10
N ASP A 110 -10.98 -12.69 -1.97
CA ASP A 110 -10.51 -13.22 -0.69
C ASP A 110 -10.63 -12.16 0.39
N MET A 111 -10.22 -10.93 0.05
CA MET A 111 -10.30 -9.81 0.98
C MET A 111 -11.73 -9.55 1.44
N ARG A 112 -12.66 -9.54 0.50
CA ARG A 112 -14.06 -9.31 0.83
C ARG A 112 -14.61 -10.42 1.73
N ALA A 113 -14.31 -11.67 1.38
CA ALA A 113 -14.77 -12.81 2.16
C ALA A 113 -14.23 -12.72 3.59
N TRP A 114 -12.95 -12.43 3.71
CA TRP A 114 -12.30 -12.32 5.00
C TRP A 114 -12.88 -11.14 5.79
N HIS A 115 -13.07 -10.02 5.11
CA HIS A 115 -13.64 -8.83 5.72
C HIS A 115 -15.01 -9.11 6.33
N ASP A 116 -15.88 -9.76 5.57
CA ASP A 116 -17.22 -10.05 6.07
C ASP A 116 -17.18 -10.98 7.29
N ALA A 117 -16.14 -11.80 7.39
CA ALA A 117 -16.00 -12.73 8.51
C ALA A 117 -15.34 -12.11 9.73
N HIS A 118 -14.76 -10.93 9.56
CA HIS A 118 -14.06 -10.24 10.65
C HIS A 118 -14.53 -8.80 10.82
N PRO A 119 -15.78 -8.61 11.22
CA PRO A 119 -16.28 -7.26 11.42
C PRO A 119 -15.38 -6.51 12.41
N GLY A 120 -15.07 -5.26 12.09
CA GLY A 120 -14.27 -4.43 12.97
C GLY A 120 -12.78 -4.77 12.97
N HIS A 121 -12.33 -5.45 11.92
CA HIS A 121 -10.92 -5.82 11.82
C HIS A 121 -10.01 -4.59 11.79
N ARG A 122 -8.74 -4.79 12.13
CA ARG A 122 -7.76 -3.72 12.02
C ARG A 122 -7.75 -3.15 10.60
N PRO A 123 -7.47 -1.85 10.47
CA PRO A 123 -7.33 -1.32 9.12
C PRO A 123 -6.11 -1.95 8.44
N ILE A 124 -6.25 -2.28 7.16
CA ILE A 124 -5.17 -2.92 6.43
C ILE A 124 -4.88 -2.13 5.17
N LEU A 125 -3.60 -1.82 4.97
CA LEU A 125 -3.15 -1.14 3.76
C LEU A 125 -2.64 -2.19 2.78
N LEU A 126 -3.26 -2.22 1.60
CA LEU A 126 -2.75 -3.03 0.51
C LEU A 126 -1.85 -2.17 -0.34
N LYS A 127 -0.57 -2.47 -0.31
CA LYS A 127 0.39 -1.75 -1.13
C LYS A 127 0.50 -2.47 -2.44
N ILE A 128 0.20 -1.76 -3.51
CA ILE A 128 0.21 -2.34 -4.84
C ILE A 128 1.36 -1.76 -5.64
N GLU A 129 2.30 -2.63 -6.03
CA GLU A 129 3.28 -2.22 -7.02
C GLU A 129 2.76 -2.61 -8.39
N MET A 130 2.55 -1.62 -9.23
CA MET A 130 2.12 -1.86 -10.61
C MET A 130 3.39 -2.16 -11.41
N LYS A 131 3.75 -3.43 -11.46
CA LYS A 131 5.05 -3.86 -12.00
C LYS A 131 5.36 -3.20 -13.33
N ASP A 132 4.36 -3.21 -14.21
CA ASP A 132 4.51 -2.71 -15.57
C ASP A 132 3.61 -1.51 -15.84
N GLY A 133 3.24 -0.79 -14.77
CA GLY A 133 2.38 0.38 -14.89
C GLY A 133 0.95 0.02 -15.26
N PHE A 134 0.19 1.02 -15.68
CA PHE A 134 -1.18 0.81 -16.11
C PHE A 134 -1.26 0.48 -17.59
N ASN A 135 -2.46 0.10 -18.02
CA ASN A 135 -2.72 -0.24 -19.40
C ASN A 135 -4.10 0.28 -19.79
N ALA A 136 -4.24 1.59 -19.81
CA ALA A 136 -5.52 2.21 -20.12
C ALA A 136 -6.05 1.75 -21.48
N LYS A 137 -5.17 1.67 -22.47
CA LYS A 137 -5.57 1.29 -23.81
C LYS A 137 -6.17 -0.11 -23.85
N GLY A 138 -5.73 -0.97 -22.92
CA GLY A 138 -6.21 -2.34 -22.85
C GLY A 138 -7.29 -2.56 -21.82
N GLY A 139 -7.90 -1.47 -21.36
CA GLY A 139 -9.00 -1.55 -20.40
C GLY A 139 -8.56 -1.80 -18.97
N ARG A 140 -7.29 -1.49 -18.68
CA ARG A 140 -6.76 -1.65 -17.33
C ARG A 140 -6.01 -0.40 -16.90
N GLY A 141 -6.72 0.73 -16.94
CA GLY A 141 -6.18 1.99 -16.45
C GLY A 141 -6.74 2.33 -15.07
N PRO A 142 -6.41 3.52 -14.57
CA PRO A 142 -6.88 3.95 -13.25
C PRO A 142 -8.38 3.82 -13.05
N ALA A 143 -9.18 4.18 -14.05
CA ALA A 143 -10.63 4.11 -13.90
C ALA A 143 -11.14 2.68 -13.75
N GLU A 144 -10.57 1.76 -14.51
CA GLU A 144 -10.97 0.37 -14.43
C GLU A 144 -10.49 -0.29 -13.13
N PHE A 145 -9.32 0.14 -12.67
CA PHE A 145 -8.78 -0.28 -11.38
C PHE A 145 -9.76 0.11 -10.26
N ASP A 146 -10.15 1.39 -10.23
CA ASP A 146 -11.11 1.87 -9.24
C ASP A 146 -12.42 1.08 -9.32
N ALA A 147 -12.91 0.87 -10.54
CA ALA A 147 -14.20 0.21 -10.74
C ALA A 147 -14.20 -1.20 -10.18
N LEU A 148 -13.10 -1.92 -10.37
CA LEU A 148 -12.98 -3.28 -9.86
C LEU A 148 -12.98 -3.30 -8.34
N ILE A 149 -12.21 -2.40 -7.74
CA ILE A 149 -12.16 -2.33 -6.29
C ILE A 149 -13.53 -1.95 -5.70
N ARG A 150 -14.21 -0.99 -6.34
CA ARG A 150 -15.57 -0.63 -5.89
C ARG A 150 -16.49 -1.84 -5.95
N GLN A 151 -16.41 -2.59 -7.04
CA GLN A 151 -17.27 -3.75 -7.23
C GLN A 151 -17.03 -4.81 -6.15
N LYS A 152 -15.76 -5.06 -5.85
CA LYS A 152 -15.41 -6.14 -4.93
C LYS A 152 -15.57 -5.77 -3.46
N LEU A 153 -15.21 -4.54 -3.12
CA LEU A 153 -15.07 -4.14 -1.71
C LEU A 153 -16.04 -3.05 -1.26
N GLY A 154 -16.52 -2.25 -2.21
CA GLY A 154 -17.49 -1.20 -1.91
C GLY A 154 -17.13 -0.37 -0.70
N ASP A 155 -18.02 -0.37 0.29
CA ASP A 155 -17.93 0.53 1.45
C ASP A 155 -16.78 0.21 2.39
N ALA A 156 -16.08 -0.90 2.15
CA ALA A 156 -14.96 -1.28 3.01
C ALA A 156 -13.69 -0.47 2.72
N VAL A 157 -13.69 0.30 1.64
CA VAL A 157 -12.51 1.07 1.26
C VAL A 157 -12.55 2.48 1.84
N TYR A 158 -11.41 2.91 2.37
CA TYR A 158 -11.22 4.31 2.73
C TYR A 158 -10.26 4.88 1.71
N GLY A 159 -10.77 5.77 0.86
CA GLY A 159 -10.01 6.28 -0.28
C GLY A 159 -9.81 7.78 -0.25
N PRO A 160 -9.17 8.34 -1.30
CA PRO A 160 -8.88 9.76 -1.35
C PRO A 160 -10.12 10.64 -1.18
N GLY A 161 -11.25 10.22 -1.72
CA GLY A 161 -12.48 10.99 -1.55
C GLY A 161 -12.89 11.09 -0.09
N ASP A 162 -12.70 10.00 0.64
CA ASP A 162 -13.03 9.99 2.06
C ASP A 162 -12.12 10.91 2.85
N LEU A 163 -10.82 10.84 2.61
CA LEU A 163 -9.86 11.68 3.31
C LEU A 163 -10.08 13.15 2.97
N THR A 164 -10.32 13.44 1.69
CA THR A 164 -10.36 14.80 1.22
C THR A 164 -11.60 15.56 1.67
N GLY A 165 -12.74 14.87 1.76
CA GLY A 165 -13.98 15.52 2.13
C GLY A 165 -14.27 16.70 1.21
N GLY A 166 -14.55 17.86 1.81
CA GLY A 166 -14.87 19.05 1.04
C GLY A 166 -13.66 19.91 0.69
N HIS A 167 -12.48 19.45 1.07
CA HIS A 167 -11.24 20.18 0.78
C HIS A 167 -10.92 20.15 -0.71
N ALA A 168 -10.07 21.08 -1.14
CA ALA A 168 -9.72 21.17 -2.56
C ALA A 168 -8.83 20.01 -3.00
N THR A 169 -7.94 19.56 -2.11
CA THR A 169 -7.01 18.47 -2.44
C THR A 169 -6.75 17.60 -1.22
N ALA A 170 -6.21 16.41 -1.46
CA ALA A 170 -5.86 15.51 -0.38
C ALA A 170 -4.80 16.12 0.53
N ASP A 171 -3.84 16.82 -0.07
CA ASP A 171 -2.79 17.45 0.72
C ASP A 171 -3.37 18.49 1.68
N GLU A 172 -4.26 19.32 1.17
CA GLU A 172 -4.89 20.34 2.00
C GLU A 172 -5.61 19.68 3.17
N ALA A 173 -6.38 18.64 2.87
CA ALA A 173 -7.14 17.94 3.89
C ALA A 173 -6.24 17.32 4.95
N VAL A 174 -5.19 16.63 4.52
CA VAL A 174 -4.39 15.87 5.46
C VAL A 174 -3.56 16.79 6.38
N ARG A 175 -3.02 17.86 5.80
CA ARG A 175 -2.24 18.81 6.60
C ARG A 175 -3.10 19.50 7.65
N ALA A 176 -4.32 19.85 7.27
CA ALA A 176 -5.20 20.63 8.14
C ALA A 176 -5.84 19.78 9.25
N GLY A 177 -6.26 18.57 8.90
CA GLY A 177 -7.08 17.77 9.79
C GLY A 177 -6.58 16.37 10.08
N GLY A 178 -5.55 15.92 9.36
CA GLY A 178 -5.00 14.59 9.57
C GLY A 178 -5.92 13.45 9.18
N TRP A 179 -5.58 12.26 9.66
CA TRP A 179 -6.32 11.04 9.35
C TRP A 179 -7.29 10.69 10.47
N PRO A 180 -8.31 9.88 10.17
CA PRO A 180 -9.16 9.41 11.25
C PRO A 180 -8.39 8.56 12.26
N SER A 181 -8.96 8.43 13.46
CA SER A 181 -8.38 7.56 14.47
C SER A 181 -8.32 6.12 13.95
N ARG A 182 -7.37 5.35 14.45
CA ARG A 182 -7.27 3.95 14.09
C ARG A 182 -8.57 3.21 14.43
N ALA A 183 -9.17 3.55 15.56
CA ALA A 183 -10.44 2.95 15.97
C ALA A 183 -11.52 3.18 14.92
N ASP A 184 -11.56 4.39 14.38
CA ASP A 184 -12.56 4.75 13.39
C ASP A 184 -12.37 4.02 12.07
N LEU A 185 -11.14 3.58 11.80
CA LEU A 185 -10.82 2.87 10.56
C LEU A 185 -10.98 1.36 10.68
N ALA A 186 -11.57 0.89 11.78
CA ALA A 186 -11.87 -0.52 11.94
C ALA A 186 -12.73 -0.98 10.76
N GLY A 187 -12.40 -2.16 10.23
CA GLY A 187 -13.15 -2.72 9.12
C GLY A 187 -12.89 -2.05 7.78
N LYS A 188 -11.77 -1.34 7.66
CA LYS A 188 -11.43 -0.67 6.40
C LYS A 188 -10.18 -1.22 5.74
N PHE A 189 -10.18 -1.16 4.42
CA PHE A 189 -8.99 -1.36 3.61
C PHE A 189 -8.60 -0.04 2.99
N LEU A 190 -7.30 0.18 2.88
CA LEU A 190 -6.77 1.29 2.13
C LEU A 190 -5.82 0.72 1.07
N PHE A 191 -5.61 1.48 0.00
CA PHE A 191 -4.72 1.06 -1.06
C PHE A 191 -3.66 2.12 -1.32
N GLU A 192 -2.42 1.68 -1.51
CA GLU A 192 -1.30 2.52 -1.92
C GLU A 192 -0.80 2.01 -3.27
N LEU A 193 -0.51 2.92 -4.18
CA LEU A 193 0.07 2.54 -5.47
C LEU A 193 1.50 3.07 -5.60
N ILE A 194 2.42 2.22 -6.03
CA ILE A 194 3.75 2.68 -6.47
C ILE A 194 4.05 2.17 -7.87
N PRO A 195 4.91 2.91 -8.59
CA PRO A 195 5.36 2.44 -9.90
C PRO A 195 6.20 1.18 -9.74
N GLY A 196 6.30 0.39 -10.81
CA GLY A 196 6.96 -0.90 -10.75
C GLY A 196 8.33 -0.95 -11.36
N THR A 197 9.05 -2.03 -11.08
CA THR A 197 10.42 -2.19 -11.56
C THR A 197 10.50 -2.28 -13.09
N VAL A 198 9.46 -2.84 -13.72
CA VAL A 198 9.48 -2.99 -15.16
C VAL A 198 9.27 -1.66 -15.89
N GLU A 199 8.36 -0.83 -15.39
CA GLU A 199 8.15 0.47 -16.03
C GLU A 199 9.32 1.40 -15.75
N GLU A 200 10.06 1.14 -14.68
CA GLU A 200 11.30 1.86 -14.41
C GLU A 200 12.37 1.56 -15.46
N LYS A 201 12.20 0.46 -16.18
CA LYS A 201 13.20 0.04 -17.16
C LYS A 201 12.74 0.27 -18.61
N ASN A 202 11.62 0.96 -18.77
CA ASN A 202 11.11 1.28 -20.09
C ASN A 202 11.87 2.42 -20.76
N PRO A 203 12.45 2.15 -21.94
CA PRO A 203 13.21 3.16 -22.69
C PRO A 203 12.29 4.24 -23.25
N PHE A 204 11.01 3.92 -23.39
CA PHE A 204 10.03 4.89 -23.88
C PHE A 204 9.55 5.79 -22.76
N ASP A 205 8.79 6.83 -23.11
CA ASP A 205 8.37 7.84 -22.13
C ASP A 205 6.91 7.69 -21.70
N LYS A 206 6.43 6.45 -21.65
CA LYS A 206 5.08 6.18 -21.15
C LYS A 206 4.97 6.69 -19.72
N LEU A 207 3.86 7.37 -19.42
CA LEU A 207 3.65 7.89 -18.06
C LEU A 207 3.75 6.77 -17.04
N TRP A 208 4.40 7.05 -15.92
CA TRP A 208 4.49 6.08 -14.84
C TRP A 208 3.22 6.08 -14.00
N THR A 209 3.06 4.99 -13.26
CA THR A 209 1.93 4.79 -12.37
C THR A 209 1.60 6.00 -11.52
N ASP A 210 2.62 6.65 -10.98
CA ASP A 210 2.41 7.74 -10.03
C ASP A 210 1.76 8.96 -10.69
N VAL A 211 2.35 9.44 -11.77
CA VAL A 211 1.80 10.57 -12.50
C VAL A 211 0.43 10.22 -13.09
N GLU A 212 0.30 9.00 -13.60
CA GLU A 212 -0.96 8.60 -14.22
C GLU A 212 -2.09 8.58 -13.20
N TYR A 213 -1.86 7.96 -12.05
CA TYR A 213 -2.94 7.87 -11.07
C TYR A 213 -3.21 9.20 -10.36
N ALA A 214 -2.16 9.95 -10.04
CA ALA A 214 -2.35 11.27 -9.46
C ALA A 214 -3.11 12.19 -10.41
N GLY A 215 -2.80 12.09 -11.70
CA GLY A 215 -3.52 12.87 -12.71
C GLY A 215 -4.98 12.49 -12.77
N HIS A 216 -5.25 11.21 -12.59
CA HIS A 216 -6.60 10.68 -12.51
C HIS A 216 -7.36 11.28 -11.32
N LEU A 217 -6.73 11.36 -10.16
CA LEU A 217 -7.38 11.99 -9.00
C LEU A 217 -7.66 13.45 -9.27
N LYS A 218 -6.68 14.15 -9.84
CA LYS A 218 -6.85 15.56 -10.17
C LYS A 218 -8.05 15.75 -11.10
N ASP A 219 -8.16 14.89 -12.10
CA ASP A 219 -9.25 14.98 -13.07
C ASP A 219 -10.60 14.64 -12.43
N LEU A 220 -10.64 13.62 -11.60
CA LEU A 220 -11.87 13.29 -10.87
C LEU A 220 -12.31 14.46 -10.01
N ALA A 221 -11.38 15.05 -9.29
CA ALA A 221 -11.72 16.16 -8.39
C ALA A 221 -12.30 17.32 -9.17
N ALA A 222 -11.72 17.61 -10.32
CA ALA A 222 -12.18 18.71 -11.17
C ALA A 222 -13.60 18.47 -11.66
N GLN A 223 -13.97 17.19 -11.77
CA GLN A 223 -15.27 16.79 -12.28
C GLN A 223 -16.26 16.52 -11.15
N GLY A 224 -15.81 16.72 -9.90
CA GLY A 224 -16.64 16.47 -8.73
C GLY A 224 -16.86 14.99 -8.46
N LYS A 225 -15.94 14.16 -8.93
CA LYS A 225 -16.10 12.71 -8.86
C LYS A 225 -15.03 12.00 -8.03
N LEU A 226 -14.41 12.72 -7.10
CA LEU A 226 -13.34 12.12 -6.31
C LEU A 226 -13.84 10.92 -5.49
N ALA A 227 -15.13 10.90 -5.18
CA ALA A 227 -15.70 9.84 -4.35
C ALA A 227 -15.49 8.44 -4.92
N GLN A 228 -15.34 8.35 -6.23
CA GLN A 228 -15.23 7.03 -6.85
C GLN A 228 -13.79 6.49 -6.89
N SER A 229 -12.83 7.29 -6.44
CA SER A 229 -11.43 6.85 -6.36
C SER A 229 -11.22 5.84 -5.23
N THR A 230 -10.19 5.02 -5.34
CA THR A 230 -10.00 3.94 -4.37
C THR A 230 -8.62 3.84 -3.75
N ALA A 231 -7.64 4.57 -4.29
CA ALA A 231 -6.24 4.36 -3.89
C ALA A 231 -5.47 5.67 -3.75
N PHE A 232 -4.43 5.62 -2.92
CA PHE A 232 -3.52 6.74 -2.74
C PHE A 232 -2.23 6.48 -3.49
N PRO A 233 -1.91 7.32 -4.48
CA PRO A 233 -0.63 7.16 -5.15
C PRO A 233 0.48 7.64 -4.23
N ALA A 234 1.59 6.93 -4.20
CA ALA A 234 2.72 7.28 -3.37
C ALA A 234 3.89 7.78 -4.20
N VAL A 235 4.71 8.64 -3.60
CA VAL A 235 5.98 9.04 -4.20
C VAL A 235 7.03 8.03 -3.77
N HIS A 236 7.53 7.27 -4.74
CA HIS A 236 8.38 6.12 -4.47
C HIS A 236 9.83 6.49 -4.70
N GLY A 237 10.66 6.23 -3.70
CA GLY A 237 12.08 6.56 -3.75
C GLY A 237 12.39 7.64 -2.73
N ALA A 238 13.12 7.27 -1.68
CA ALA A 238 13.44 8.20 -0.60
C ALA A 238 14.23 9.38 -1.15
N ALA A 239 13.82 10.58 -0.75
CA ALA A 239 14.46 11.80 -1.24
C ALA A 239 14.36 12.89 -0.19
N PRO A 240 15.32 13.84 -0.19
CA PRO A 240 15.28 14.96 0.74
C PRO A 240 14.26 16.01 0.32
N GLY A 241 13.96 16.93 1.24
CA GLY A 241 13.02 18.00 0.96
C GLY A 241 11.62 17.47 0.71
N ASP A 242 10.88 18.14 -0.18
CA ASP A 242 9.57 17.67 -0.57
C ASP A 242 9.75 16.85 -1.84
N PRO A 243 9.58 15.52 -1.74
CA PRO A 243 9.86 14.67 -2.90
C PRO A 243 8.97 14.98 -4.09
N ARG A 244 7.84 15.65 -3.85
CA ARG A 244 6.89 15.93 -4.91
C ARG A 244 7.41 17.00 -5.88
N GLU A 245 8.49 17.67 -5.50
CA GLU A 245 9.11 18.65 -6.39
C GLU A 245 9.69 17.97 -7.63
N ARG A 246 9.77 16.63 -7.63
CA ARG A 246 10.23 15.89 -8.79
C ARG A 246 9.22 15.97 -9.93
N TYR A 247 7.96 16.27 -9.63
CA TYR A 247 6.93 16.36 -10.65
C TYR A 247 6.87 17.80 -11.17
N ALA A 248 7.08 17.95 -12.47
CA ALA A 248 7.14 19.29 -13.07
C ALA A 248 5.79 20.01 -13.06
N ASP A 249 4.71 19.25 -13.00
CA ASP A 249 3.38 19.84 -12.95
C ASP A 249 2.94 20.01 -11.50
N PRO A 250 2.94 21.26 -11.00
CA PRO A 250 2.60 21.49 -9.59
C PRO A 250 1.19 21.01 -9.26
N ALA A 251 0.31 20.94 -10.25
CA ALA A 251 -1.08 20.56 -10.03
C ALA A 251 -1.22 19.10 -9.57
N LEU A 252 -0.23 18.28 -9.88
CA LEU A 252 -0.27 16.86 -9.49
C LEU A 252 0.14 16.68 -8.04
N ARG A 253 1.00 17.58 -7.57
CA ARG A 253 1.65 17.39 -6.28
C ARG A 253 0.73 17.17 -5.08
N PRO A 254 -0.35 17.95 -4.98
CA PRO A 254 -1.18 17.82 -3.76
C PRO A 254 -2.05 16.57 -3.72
N TRP A 255 -1.89 15.68 -4.70
CA TRP A 255 -2.61 14.41 -4.70
C TRP A 255 -1.75 13.27 -4.15
N PHE A 256 -0.52 13.62 -3.75
CA PHE A 256 0.41 12.68 -3.11
C PHE A 256 0.51 12.99 -1.62
N VAL A 257 0.01 12.08 -0.79
CA VAL A 257 0.13 12.23 0.66
C VAL A 257 0.75 10.99 1.29
N VAL A 258 1.30 10.14 0.44
CA VAL A 258 1.96 8.90 0.84
C VAL A 258 3.32 8.84 0.15
N PHE A 259 4.32 8.39 0.89
CA PHE A 259 5.70 8.36 0.44
C PHE A 259 6.27 7.00 0.83
N ASP A 260 7.10 6.45 -0.04
CA ASP A 260 7.52 5.07 0.10
C ASP A 260 8.98 4.99 -0.33
N GLY A 261 9.85 4.55 0.58
CA GLY A 261 11.28 4.55 0.26
C GLY A 261 12.07 3.67 1.20
N ASP A 262 13.34 3.50 0.86
CA ASP A 262 14.25 2.60 1.58
C ASP A 262 14.55 3.09 3.00
N ALA A 263 14.34 2.21 3.97
CA ALA A 263 14.54 2.57 5.39
C ALA A 263 15.96 3.07 5.68
N ALA A 264 16.96 2.33 5.23
CA ALA A 264 18.34 2.73 5.50
C ALA A 264 18.61 4.13 4.95
N THR A 265 18.07 4.41 3.77
CA THR A 265 18.23 5.72 3.16
C THR A 265 17.58 6.81 4.00
N TYR A 266 16.37 6.57 4.47
CA TYR A 266 15.69 7.54 5.33
C TYR A 266 16.48 7.82 6.61
N LEU A 267 17.29 6.86 7.03
CA LEU A 267 18.02 6.99 8.27
C LEU A 267 19.48 7.39 8.07
N ASN A 268 19.87 7.73 6.85
CA ASN A 268 21.29 7.96 6.55
C ASN A 268 21.79 9.38 6.78
N GLY A 269 20.90 10.24 7.28
CA GLY A 269 21.27 11.61 7.64
C GLY A 269 20.89 12.67 6.62
N SER A 270 20.51 12.24 5.41
CA SER A 270 20.27 13.18 4.31
C SER A 270 18.84 13.68 4.24
N ILE A 271 17.94 13.05 5.00
CA ILE A 271 16.51 13.35 4.91
C ILE A 271 15.92 13.66 6.27
N ASP A 272 15.19 14.77 6.35
CA ASP A 272 14.49 15.16 7.56
C ASP A 272 13.13 14.47 7.60
N THR A 273 13.05 13.31 8.26
CA THR A 273 11.81 12.55 8.23
C THR A 273 10.72 13.15 9.10
N SER A 274 11.06 14.09 9.98
CA SER A 274 10.04 14.75 10.81
C SER A 274 9.04 15.52 9.95
N TRP A 275 9.50 15.95 8.78
CA TRP A 275 8.67 16.70 7.84
C TRP A 275 7.37 15.95 7.54
N TYR A 276 7.48 14.63 7.35
CA TYR A 276 6.32 13.79 7.02
C TYR A 276 5.34 13.72 8.17
N ASP A 277 5.89 13.59 9.38
CA ASP A 277 5.08 13.44 10.58
C ASP A 277 4.32 14.74 10.87
N THR A 278 5.02 15.85 10.75
CA THR A 278 4.41 17.17 10.99
C THR A 278 3.20 17.40 10.09
N ARG A 279 3.29 16.93 8.84
CA ARG A 279 2.26 17.15 7.85
C ARG A 279 1.22 16.03 7.78
N HIS A 280 1.41 15.00 8.60
CA HIS A 280 0.50 13.86 8.67
C HIS A 280 0.51 12.99 7.41
N TYR A 281 1.62 13.04 6.67
CA TYR A 281 1.77 12.17 5.51
C TYR A 281 2.13 10.76 5.96
N LEU A 282 1.72 9.77 5.20
CA LEU A 282 2.11 8.39 5.49
C LEU A 282 3.49 8.12 4.91
N LEU A 283 4.36 7.53 5.71
CA LEU A 283 5.73 7.25 5.31
C LEU A 283 6.00 5.76 5.43
N ILE A 284 6.12 5.09 4.29
CA ILE A 284 6.41 3.66 4.27
C ILE A 284 7.91 3.47 4.09
N MET A 285 8.53 2.77 5.05
CA MET A 285 9.96 2.49 4.99
C MET A 285 10.19 1.01 4.69
N THR A 286 10.78 0.75 3.53
CA THR A 286 10.95 -0.61 3.03
C THR A 286 12.31 -1.19 3.40
N ASP A 287 12.40 -2.51 3.32
CA ASP A 287 13.63 -3.22 3.69
C ASP A 287 14.14 -2.75 5.05
N ALA A 288 13.24 -2.77 6.02
CA ALA A 288 13.56 -2.32 7.38
C ALA A 288 14.77 -3.05 7.97
N HIS A 289 14.98 -4.29 7.53
CA HIS A 289 16.08 -5.10 8.06
C HIS A 289 17.46 -4.60 7.62
N ASN A 290 17.51 -3.81 6.55
CA ASN A 290 18.78 -3.33 6.00
C ASN A 290 19.31 -2.07 6.68
N VAL A 291 18.54 -1.52 7.60
CA VAL A 291 19.04 -0.43 8.41
C VAL A 291 20.22 -0.96 9.24
N PRO A 292 21.35 -0.23 9.27
CA PRO A 292 22.49 -0.75 10.01
C PRO A 292 22.29 -0.63 11.52
N PRO A 293 22.76 -1.62 12.29
CA PRO A 293 23.37 -2.85 11.80
C PRO A 293 22.33 -3.81 11.26
N VAL A 294 22.60 -4.41 10.11
CA VAL A 294 21.59 -5.21 9.44
C VAL A 294 21.15 -6.43 10.23
N ILE A 295 19.87 -6.76 10.13
CA ILE A 295 19.31 -7.98 10.70
C ILE A 295 18.65 -8.76 9.58
N ASP A 296 18.23 -10.00 9.84
CA ASP A 296 17.69 -10.83 8.79
C ASP A 296 16.34 -10.28 8.30
N GLY A 297 16.11 -10.39 6.99
CA GLY A 297 14.90 -9.89 6.38
C GLY A 297 13.70 -10.81 6.58
N THR A 298 13.97 -12.05 6.98
CA THR A 298 12.91 -13.05 7.13
C THR A 298 12.87 -13.62 8.54
N HIS A 299 14.02 -14.07 9.03
CA HIS A 299 14.11 -14.76 10.31
C HIS A 299 15.01 -14.07 11.33
N PRO A 300 14.79 -12.77 11.60
CA PRO A 300 15.57 -12.17 12.66
C PRO A 300 14.99 -12.65 13.98
N THR A 301 15.64 -12.33 15.10
CA THR A 301 15.04 -12.62 16.39
C THR A 301 13.91 -11.62 16.64
N GLU A 302 12.94 -12.01 17.45
CA GLU A 302 11.84 -11.12 17.81
C GLU A 302 12.36 -9.82 18.40
N ALA A 303 13.36 -9.92 19.26
CA ALA A 303 13.93 -8.74 19.91
C ALA A 303 14.57 -7.80 18.90
N GLU A 304 15.30 -8.37 17.95
CA GLU A 304 15.92 -7.58 16.88
C GLU A 304 14.86 -6.82 16.08
N ALA A 305 13.78 -7.51 15.72
CA ALA A 305 12.75 -6.93 14.88
C ALA A 305 11.99 -5.83 15.60
N LEU A 306 11.66 -6.08 16.87
CA LEU A 306 10.95 -5.10 17.66
C LEU A 306 11.78 -3.83 17.85
N ALA A 307 13.07 -4.01 18.10
CA ALA A 307 13.97 -2.87 18.26
C ALA A 307 14.00 -2.05 16.96
N ARG A 308 14.02 -2.75 15.84
CA ARG A 308 14.06 -2.09 14.54
C ARG A 308 12.77 -1.30 14.28
N VAL A 309 11.63 -1.88 14.62
CA VAL A 309 10.36 -1.16 14.47
C VAL A 309 10.35 0.11 15.34
N ARG A 310 10.82 -0.01 16.58
CA ARG A 310 10.88 1.14 17.46
C ARG A 310 11.81 2.22 16.92
N GLN A 311 12.94 1.81 16.35
CA GLN A 311 13.87 2.77 15.77
C GLN A 311 13.21 3.54 14.63
N LEU A 312 12.51 2.81 13.76
CA LEU A 312 11.86 3.45 12.63
C LEU A 312 10.68 4.33 13.06
N ALA A 313 9.97 3.92 14.10
CA ALA A 313 8.90 4.74 14.67
C ALA A 313 9.47 6.08 15.14
N ALA A 314 10.58 6.04 15.85
CA ALA A 314 11.20 7.27 16.35
C ALA A 314 11.67 8.15 15.19
N ALA A 315 12.01 7.51 14.07
CA ALA A 315 12.39 8.23 12.86
C ALA A 315 11.19 8.57 11.96
N HIS A 316 9.99 8.46 12.52
CA HIS A 316 8.77 8.98 11.88
C HIS A 316 8.17 8.12 10.77
N ALA A 317 8.56 6.85 10.70
CA ALA A 317 7.89 5.94 9.79
C ALA A 317 6.44 5.75 10.18
N SER A 318 5.57 5.59 9.19
CA SER A 318 4.22 5.10 9.42
C SER A 318 4.20 3.58 9.36
N PHE A 319 5.00 3.02 8.46
CA PHE A 319 5.09 1.57 8.29
C PHE A 319 6.55 1.17 8.14
N ALA A 320 6.91 0.04 8.74
CA ALA A 320 8.19 -0.60 8.50
C ALA A 320 7.89 -1.94 7.83
N THR A 321 8.49 -2.19 6.67
CA THR A 321 8.21 -3.44 5.98
C THR A 321 9.46 -4.29 5.75
N ALA A 322 9.25 -5.59 5.79
CA ALA A 322 10.28 -6.59 5.52
C ALA A 322 9.57 -7.89 5.19
N ASP A 323 10.22 -9.03 5.43
CA ASP A 323 9.64 -10.33 5.11
C ASP A 323 9.40 -11.17 6.36
N TRP A 324 9.02 -10.54 7.46
CA TRP A 324 8.99 -11.21 8.76
C TRP A 324 7.74 -12.06 9.01
N TYR A 325 7.33 -12.84 8.03
CA TYR A 325 6.17 -13.70 8.20
C TYR A 325 6.30 -14.71 9.36
N PRO A 326 7.53 -15.13 9.70
CA PRO A 326 7.66 -16.04 10.84
C PRO A 326 7.38 -15.40 12.18
N LEU A 327 7.17 -14.08 12.20
CA LEU A 327 7.02 -13.34 13.45
C LEU A 327 5.70 -12.56 13.53
N PRO A 328 4.57 -13.27 13.57
CA PRO A 328 3.29 -12.58 13.60
C PRO A 328 3.14 -11.63 14.80
N SER A 329 3.79 -11.94 15.91
CA SER A 329 3.75 -11.08 17.07
C SER A 329 4.33 -9.71 16.74
N VAL A 330 5.41 -9.70 15.96
CA VAL A 330 6.02 -8.46 15.51
C VAL A 330 5.13 -7.78 14.46
N LEU A 331 4.56 -8.57 13.56
CA LEU A 331 3.70 -8.01 12.51
C LEU A 331 2.52 -7.23 13.07
N LYS A 332 2.04 -7.62 14.25
CA LYS A 332 0.87 -6.98 14.84
C LYS A 332 1.22 -5.71 15.61
N THR A 333 2.51 -5.40 15.72
CA THR A 333 2.97 -4.27 16.52
C THR A 333 2.45 -2.93 15.99
N VAL A 334 1.87 -2.14 16.88
CA VAL A 334 1.51 -0.77 16.57
C VAL A 334 1.98 0.12 17.71
N VAL A 335 2.82 1.09 17.41
CA VAL A 335 3.39 1.96 18.44
C VAL A 335 3.25 3.42 18.03
N PRO A 336 3.47 4.34 18.98
CA PRO A 336 3.37 5.75 18.62
C PRO A 336 4.45 6.15 17.61
N ARG A 337 4.06 6.99 16.66
CA ARG A 337 4.97 7.52 15.65
C ARG A 337 5.66 8.78 16.16
N GLY A 338 6.99 8.82 16.03
CA GLY A 338 7.73 10.02 16.41
C GLY A 338 7.88 10.21 17.91
N ALA A 339 8.16 9.11 18.60
CA ALA A 339 8.41 9.14 20.04
C ALA A 339 7.10 9.19 20.81
CL CL B . -2.99 12.26 11.55
C1 EOH C . 13.74 14.69 -9.87
C2 EOH C . 14.79 15.07 -10.92
O EOH C . 14.11 15.11 -8.58
C1 EOH D . 15.89 19.01 4.68
C2 EOH D . 16.48 18.71 3.30
O EOH D . 14.52 19.35 4.60
C1 EOH E . -14.51 -2.03 -15.51
C2 EOH E . -13.51 -2.79 -16.38
O EOH E . -14.54 -0.66 -15.80
C1 EOH F . -19.56 -4.56 -3.33
C2 EOH F . -19.78 -3.44 -4.34
O EOH F . -20.18 -4.30 -2.10
C1 EOH G . -2.47 -23.99 -6.61
C2 EOH G . -0.97 -24.01 -6.33
O EOH G . -3.23 -24.25 -5.45
C1 EOH H . -2.69 -5.75 -22.99
C2 EOH H . -3.76 -4.92 -23.69
O EOH H . -2.86 -7.13 -23.21
C1 EOH I . 9.98 9.45 -15.40
C2 EOH I . 8.82 8.91 -16.22
O EOH I . 9.78 9.28 -14.02
C1 EOH J . 18.57 -0.75 1.97
C2 EOH J . 19.53 0.15 1.21
O EOH J . 18.03 -1.77 1.16
C1 EOH K . -12.85 -13.16 -8.54
C2 EOH K . -13.73 -14.10 -7.72
O EOH K . -13.57 -12.54 -9.59
C1 EOH L . -16.17 9.17 -14.29
C2 EOH L . -17.07 9.59 -15.47
O EOH L . -15.67 7.87 -14.46
C1 EOH M . -11.93 -7.96 14.82
C2 EOH M . -10.66 -7.57 15.55
O EOH M . -11.71 -9.00 13.88
C1 EOH N . 3.32 14.91 14.54
C2 EOH N . 4.63 15.61 14.86
O EOH N . 2.45 15.73 13.79
C1 EOH O . -10.44 8.74 -15.56
C2 EOH O . -9.38 9.78 -15.24
O EOH O . -10.16 8.01 -16.72
C1 EOH P . -9.78 -1.52 -24.26
C2 EOH P . -10.91 -0.98 -23.39
O EOH P . -9.78 -2.93 -24.31
C1 EOH Q . -12.53 -9.99 -13.01
C2 EOH Q . -13.21 -11.25 -12.48
O EOH Q . -13.32 -8.83 -12.78
C1 EOH R . 5.15 -19.05 9.24
C2 EOH R . 6.55 -19.19 9.84
O EOH R . 4.59 -17.79 9.52
C1 EOH S . -13.27 20.62 5.42
C2 EOH S . -12.87 21.58 6.54
O EOH S . -13.69 21.29 4.26
C1 EOH T . 9.04 -0.64 -2.78
C2 EOH T . 10.25 -0.80 -3.69
O EOH T . 8.60 -1.86 -2.22
C1 EOH U . -11.94 0.31 16.80
C2 EOH U . -11.48 -1.15 16.78
O EOH U . -13.31 0.43 16.46
C1 EOH V . -2.48 -19.55 -17.58
C2 EOH V . -1.48 -20.27 -16.68
O EOH V . -3.74 -19.42 -16.97
C ACT W . -18.61 -3.76 5.17
O ACT W . -17.89 -2.76 5.36
OXT ACT W . -18.64 -4.21 4.00
CH3 ACT W . -19.41 -4.38 6.29
C ACT X . 17.05 1.35 -2.51
O ACT X . 15.95 1.81 -2.15
OXT ACT X . 17.09 0.11 -2.70
CH3 ACT X . 18.25 2.22 -2.73
C ACT Y . 22.17 -6.78 14.35
O ACT Y . 22.04 -5.57 14.12
OXT ACT Y . 22.83 -7.43 13.51
CH3 ACT Y . 21.58 -7.43 15.57
C1 GOL Z . 13.50 15.55 -3.67
O1 GOL Z . 14.78 15.99 -3.24
C2 GOL Z . 12.86 16.66 -4.50
O2 GOL Z . 11.59 16.22 -4.93
C3 GOL Z . 13.72 16.95 -5.71
O3 GOL Z . 12.89 17.25 -6.82
C1 GOL AA . -20.95 12.42 -9.54
O1 GOL AA . -20.10 12.11 -8.46
C2 GOL AA . -21.04 13.93 -9.71
O2 GOL AA . -22.24 14.27 -10.37
C3 GOL AA . -19.85 14.43 -10.52
O3 GOL AA . -19.94 15.82 -10.67
C1 GOL BA . -9.95 -6.15 -16.83
O1 GOL BA . -9.86 -7.18 -15.87
C2 GOL BA . -9.54 -6.69 -18.19
O2 GOL BA . -8.41 -7.52 -18.04
C3 GOL BA . -9.20 -5.53 -19.13
O3 GOL BA . -9.53 -5.88 -20.45
C ACE CA . -12.42 5.87 -18.61
O ACE CA . -11.75 4.83 -18.63
CH3 ACE CA . -12.79 6.53 -17.31
C ACE DA . -8.52 4.55 -16.77
O ACE DA . -8.36 5.72 -16.45
CH3 ACE DA . -8.22 4.07 -18.16
C ACE EA . 11.77 20.67 -0.89
O ACE EA . 12.32 20.21 -1.86
CH3 ACE EA . 11.29 22.10 -0.87
C ACE FA . -5.36 7.90 -17.21
O ACE FA . -4.78 6.93 -17.68
CH3 ACE FA . -6.42 7.72 -16.14
C ACE GA . 3.10 -21.70 -8.70
O ACE GA . 3.90 -21.58 -7.78
CH3 ACE GA . 3.45 -21.25 -10.10
#